data_3OON
#
_entry.id   3OON
#
_cell.length_a   52.089
_cell.length_b   74.784
_cell.length_c   66.760
_cell.angle_alpha   90.00
_cell.angle_beta   90.00
_cell.angle_gamma   90.00
#
_symmetry.space_group_name_H-M   'C 2 2 21'
#
loop_
_entity.id
_entity.type
_entity.pdbx_description
1 polymer 'Outer membrane protein (Tpn50)'
2 non-polymer 'SULFATE ION'
3 water water
#
_entity_poly.entity_id   1
_entity_poly.type   'polypeptide(L)'
_entity_poly.pdbx_seq_one_letter_code
;NAAIEVEKNNKGINLSFDIEFYPNSFQILQKEYKKIDLIAKLLEKFKKNNILIEGHTEQFGLEEE(MSE)HELSEKRARA
IGNYLIK(MSE)KVKDKDQILFKGWGSQKPKYPKSSPLKAKNRRVEITILN
;
_entity_poly.pdbx_strand_id   A
#
# COMPACT_ATOMS: atom_id res chain seq x y z
N ASN A 1 -0.12 -10.79 12.56
CA ASN A 1 -0.85 -9.76 11.76
C ASN A 1 -0.20 -8.37 11.84
N ALA A 2 0.63 -8.17 12.87
CA ALA A 2 1.37 -6.92 12.99
C ALA A 2 2.57 -6.92 12.04
N ALA A 3 2.99 -8.09 11.58
CA ALA A 3 4.20 -8.19 10.76
C ALA A 3 4.04 -7.84 9.27
N ILE A 4 5.10 -7.26 8.71
N ILE A 4 5.12 -7.29 8.71
CA ILE A 4 5.22 -7.10 7.28
CA ILE A 4 5.26 -7.07 7.27
C ILE A 4 5.97 -8.35 6.81
C ILE A 4 6.07 -8.24 6.72
N GLU A 5 5.55 -8.90 5.68
CA GLU A 5 6.26 -10.02 5.04
C GLU A 5 7.12 -9.46 3.92
N VAL A 6 8.41 -9.73 3.99
CA VAL A 6 9.38 -9.19 3.04
C VAL A 6 9.99 -10.30 2.20
N GLU A 7 9.90 -10.12 0.88
CA GLU A 7 10.42 -11.11 -0.06
C GLU A 7 10.91 -10.41 -1.31
N LYS A 8 12.01 -10.88 -1.86
CA LYS A 8 12.57 -10.30 -3.07
C LYS A 8 11.89 -10.89 -4.30
N ASN A 9 11.71 -10.07 -5.32
CA ASN A 9 11.34 -10.56 -6.64
C ASN A 9 12.13 -9.85 -7.73
N ASN A 10 11.80 -10.13 -8.98
CA ASN A 10 12.46 -9.51 -10.12
C ASN A 10 12.24 -7.99 -10.20
N LYS A 11 11.18 -7.50 -9.54
CA LYS A 11 10.82 -6.08 -9.53
C LYS A 11 11.53 -5.27 -8.44
N GLY A 12 11.92 -5.95 -7.38
CA GLY A 12 12.54 -5.30 -6.22
C GLY A 12 12.25 -6.06 -4.93
N ILE A 13 12.10 -5.32 -3.85
CA ILE A 13 11.81 -5.91 -2.56
C ILE A 13 10.33 -5.72 -2.28
N ASN A 14 9.59 -6.82 -2.22
CA ASN A 14 8.14 -6.81 -1.98
C ASN A 14 7.82 -6.79 -0.47
N LEU A 15 6.98 -5.84 -0.07
CA LEU A 15 6.47 -5.74 1.29
C LEU A 15 4.98 -6.09 1.23
N SER A 16 4.62 -7.24 1.77
CA SER A 16 3.20 -7.61 1.77
C SER A 16 2.67 -7.60 3.20
N PHE A 17 1.49 -7.03 3.35
CA PHE A 17 0.91 -6.85 4.67
C PHE A 17 -0.59 -6.67 4.53
N ASP A 18 -1.30 -6.56 5.64
N ASP A 18 -1.26 -6.59 5.67
CA ASP A 18 -2.74 -6.31 5.54
CA ASP A 18 -2.69 -6.35 5.71
C ASP A 18 -3.16 -5.18 6.46
C ASP A 18 -2.88 -4.95 6.28
N ILE A 19 -3.97 -4.30 5.89
CA ILE A 19 -4.39 -3.05 6.53
C ILE A 19 -5.89 -3.13 6.67
N GLU A 20 -6.38 -2.88 7.88
CA GLU A 20 -7.81 -2.80 8.10
C GLU A 20 -8.34 -1.51 7.52
N PHE A 21 -9.28 -1.64 6.59
CA PHE A 21 -10.06 -0.54 6.07
C PHE A 21 -11.49 -0.70 6.56
N TYR A 22 -12.17 0.41 6.79
CA TYR A 22 -13.60 0.32 7.11
C TYR A 22 -14.34 -0.28 5.92
N PRO A 23 -15.44 -1.01 6.17
CA PRO A 23 -16.11 -1.79 5.12
C PRO A 23 -16.39 -0.95 3.88
N ASN A 24 -16.02 -1.49 2.72
CA ASN A 24 -16.25 -0.86 1.41
C ASN A 24 -15.70 0.56 1.25
N SER A 25 -14.66 0.89 2.01
N SER A 25 -14.67 0.89 2.02
CA SER A 25 -14.10 2.23 2.02
CA SER A 25 -14.10 2.24 2.04
C SER A 25 -12.59 2.20 1.82
C SER A 25 -12.60 2.20 1.76
N PHE A 26 -12.01 3.37 1.54
CA PHE A 26 -10.56 3.49 1.43
C PHE A 26 -10.02 4.25 2.64
N GLN A 27 -10.78 4.23 3.74
CA GLN A 27 -10.33 4.88 4.96
C GLN A 27 -9.65 3.88 5.90
N ILE A 28 -8.40 4.19 6.24
CA ILE A 28 -7.56 3.34 7.10
C ILE A 28 -7.99 3.53 8.55
N LEU A 29 -8.18 2.42 9.28
CA LEU A 29 -8.45 2.49 10.73
C LEU A 29 -7.28 3.13 11.46
N GLN A 30 -7.60 3.95 12.45
CA GLN A 30 -6.62 4.72 13.22
C GLN A 30 -5.44 3.88 13.72
N LYS A 31 -5.75 2.70 14.24
CA LYS A 31 -4.76 1.82 14.86
C LYS A 31 -3.72 1.29 13.86
N GLU A 32 -4.00 1.43 12.56
CA GLU A 32 -3.12 0.87 11.53
C GLU A 32 -1.94 1.79 11.18
N TYR A 33 -2.00 3.05 11.60
CA TYR A 33 -0.96 3.99 11.21
C TYR A 33 0.42 3.63 11.77
N LYS A 34 0.45 3.00 12.94
CA LYS A 34 1.68 2.54 13.55
C LYS A 34 2.37 1.47 12.66
N LYS A 35 1.57 0.61 12.04
CA LYS A 35 2.09 -0.35 11.07
C LYS A 35 2.68 0.33 9.83
N ILE A 36 1.98 1.32 9.31
CA ILE A 36 2.50 2.09 8.19
C ILE A 36 3.77 2.86 8.59
N ASP A 37 3.85 3.26 9.86
CA ASP A 37 5.05 3.93 10.39
C ASP A 37 6.28 3.02 10.31
N LEU A 38 6.07 1.74 10.59
CA LEU A 38 7.12 0.73 10.43
C LEU A 38 7.53 0.59 8.97
N ILE A 39 6.54 0.50 8.07
CA ILE A 39 6.83 0.52 6.64
C ILE A 39 7.66 1.78 6.29
N ALA A 40 7.27 2.92 6.84
CA ALA A 40 7.96 4.19 6.59
C ALA A 40 9.42 4.14 7.04
N LYS A 41 9.68 3.45 8.16
CA LYS A 41 11.04 3.28 8.68
C LYS A 41 11.91 2.51 7.69
N LEU A 42 11.35 1.49 7.04
CA LEU A 42 12.08 0.76 6.02
C LEU A 42 12.30 1.60 4.77
N LEU A 43 11.24 2.26 4.30
CA LEU A 43 11.30 3.03 3.05
C LEU A 43 12.26 4.21 3.13
N GLU A 44 12.29 4.85 4.30
CA GLU A 44 13.24 5.92 4.64
C GLU A 44 14.68 5.56 4.30
N LYS A 45 15.03 4.29 4.50
CA LYS A 45 16.39 3.82 4.28
C LYS A 45 16.70 3.47 2.83
N PHE A 46 15.65 3.31 2.03
CA PHE A 46 15.79 3.10 0.59
C PHE A 46 15.41 4.42 -0.05
N LYS A 47 16.29 5.40 0.16
CA LYS A 47 16.02 6.79 -0.17
CA LYS A 47 15.99 6.79 -0.17
C LYS A 47 15.83 7.07 -1.67
N LYS A 48 16.66 6.44 -2.50
CA LYS A 48 16.69 6.71 -3.94
CA LYS A 48 16.67 6.73 -3.93
C LYS A 48 15.64 5.93 -4.72
N ASN A 49 15.10 4.87 -4.11
CA ASN A 49 14.15 3.99 -4.79
C ASN A 49 12.76 4.58 -5.01
N ASN A 50 12.19 4.28 -6.18
CA ASN A 50 10.78 4.50 -6.42
C ASN A 50 10.02 3.34 -5.82
N ILE A 51 8.74 3.54 -5.54
CA ILE A 51 7.91 2.45 -5.00
C ILE A 51 6.64 2.23 -5.80
N LEU A 52 6.13 1.02 -5.73
CA LEU A 52 4.84 0.67 -6.34
C LEU A 52 3.92 0.21 -5.24
N ILE A 53 2.73 0.83 -5.15
CA ILE A 53 1.75 0.47 -4.12
C ILE A 53 0.55 -0.12 -4.81
N GLU A 54 0.19 -1.35 -4.44
CA GLU A 54 -0.87 -2.10 -5.10
C GLU A 54 -2.00 -2.41 -4.14
N GLY A 55 -3.22 -2.02 -4.53
CA GLY A 55 -4.40 -2.16 -3.69
C GLY A 55 -5.32 -3.25 -4.21
N HIS A 56 -6.16 -3.77 -3.31
CA HIS A 56 -7.04 -4.88 -3.62
C HIS A 56 -8.39 -4.74 -2.93
N THR A 57 -9.40 -5.29 -3.58
CA THR A 57 -10.71 -5.46 -3.00
C THR A 57 -11.01 -6.96 -2.96
N GLU A 58 -12.08 -7.32 -2.26
CA GLU A 58 -12.49 -8.71 -2.17
C GLU A 58 -13.86 -8.97 -2.80
N GLN A 59 -14.74 -7.99 -2.70
CA GLN A 59 -16.12 -8.09 -3.19
C GLN A 59 -16.16 -8.28 -4.70
N PHE A 60 -17.10 -9.08 -5.19
CA PHE A 60 -17.25 -9.14 -6.63
C PHE A 60 -18.27 -8.12 -7.13
N GLY A 61 -17.84 -6.87 -7.09
CA GLY A 61 -18.63 -5.76 -7.57
C GLY A 61 -18.33 -5.52 -9.03
N LEU A 62 -18.91 -4.47 -9.58
CA LEU A 62 -18.61 -4.04 -10.94
C LEU A 62 -17.13 -3.72 -11.05
N GLU A 63 -16.51 -4.14 -12.15
CA GLU A 63 -15.05 -4.08 -12.26
C GLU A 63 -14.48 -2.67 -12.14
N GLU A 64 -15.11 -1.67 -12.76
CA GLU A 64 -14.59 -0.29 -12.65
C GLU A 64 -14.71 0.24 -11.22
N GLU A 65 -15.82 -0.10 -10.55
CA GLU A 65 -16.01 0.30 -9.16
C GLU A 65 -14.96 -0.33 -8.25
N HIS A 67 -12.05 -1.53 -9.21
CA HIS A 67 -10.76 -0.96 -9.57
C HIS A 67 -10.52 0.37 -8.86
N GLU A 68 -11.49 1.28 -8.95
CA GLU A 68 -11.39 2.57 -8.30
C GLU A 68 -11.16 2.46 -6.80
N LEU A 69 -11.97 1.65 -6.12
CA LEU A 69 -11.80 1.46 -4.69
C LEU A 69 -10.40 0.94 -4.34
N SER A 70 -9.93 -0.07 -5.08
CA SER A 70 -8.65 -0.68 -4.81
C SER A 70 -7.52 0.33 -5.02
N GLU A 71 -7.65 1.17 -6.06
CA GLU A 71 -6.64 2.20 -6.31
C GLU A 71 -6.64 3.28 -5.23
N LYS A 72 -7.83 3.67 -4.76
N LYS A 72 -7.83 3.68 -4.78
CA LYS A 72 -7.94 4.67 -3.69
CA LYS A 72 -7.94 4.67 -3.69
C LYS A 72 -7.37 4.17 -2.36
C LYS A 72 -7.30 4.16 -2.40
N ARG A 73 -7.40 2.85 -2.16
CA ARG A 73 -6.75 2.22 -1.00
C ARG A 73 -5.23 2.35 -1.09
N ALA A 74 -4.65 2.04 -2.25
CA ALA A 74 -3.22 2.27 -2.49
C ALA A 74 -2.86 3.75 -2.26
N ARG A 75 -3.70 4.63 -2.78
CA ARG A 75 -3.48 6.08 -2.62
C ARG A 75 -3.57 6.57 -1.18
N ALA A 76 -4.48 6.01 -0.39
CA ALA A 76 -4.57 6.33 1.04
C ALA A 76 -3.25 6.02 1.76
N ILE A 77 -2.65 4.87 1.45
CA ILE A 77 -1.35 4.47 2.02
C ILE A 77 -0.25 5.41 1.54
N GLY A 78 -0.20 5.63 0.23
CA GLY A 78 0.79 6.52 -0.37
C GLY A 78 0.72 7.93 0.18
N ASN A 79 -0.50 8.44 0.32
CA ASN A 79 -0.71 9.80 0.85
C ASN A 79 -0.13 9.98 2.25
N TYR A 80 -0.23 8.95 3.08
CA TYR A 80 0.31 8.99 4.43
C TYR A 80 1.83 9.01 4.38
N LEU A 81 2.41 8.18 3.51
CA LEU A 81 3.86 8.18 3.28
C LEU A 81 4.40 9.52 2.77
N ILE A 82 3.63 10.18 1.91
N ILE A 82 3.63 10.21 1.93
CA ILE A 82 3.92 11.54 1.45
CA ILE A 82 4.01 11.55 1.47
C ILE A 82 3.94 12.48 2.66
C ILE A 82 3.89 12.58 2.60
N LYS A 83 2.86 12.43 3.43
CA LYS A 83 2.66 13.29 4.60
C LYS A 83 3.79 13.09 5.65
N LYS A 85 6.71 12.44 4.88
CA LYS A 85 7.91 12.83 4.14
C LYS A 85 8.93 11.71 3.88
N VAL A 86 8.47 10.47 3.74
CA VAL A 86 9.41 9.38 3.42
C VAL A 86 9.56 9.14 1.92
N LYS A 87 8.53 9.51 1.15
CA LYS A 87 8.60 9.51 -0.31
C LYS A 87 7.92 10.77 -0.85
N ASP A 88 8.35 11.23 -2.02
CA ASP A 88 7.66 12.29 -2.74
C ASP A 88 6.66 11.68 -3.71
N LYS A 89 5.67 12.46 -4.15
CA LYS A 89 4.66 11.92 -5.08
C LYS A 89 5.29 11.45 -6.40
N ASP A 90 6.42 12.07 -6.74
N ASP A 90 6.42 12.04 -6.77
CA ASP A 90 7.25 11.71 -7.89
CA ASP A 90 7.09 11.64 -8.00
C ASP A 90 7.72 10.28 -7.90
C ASP A 90 7.95 10.38 -7.86
N GLN A 91 7.80 9.69 -6.72
CA GLN A 91 8.46 8.40 -6.52
C GLN A 91 7.48 7.26 -6.36
N ILE A 92 6.17 7.55 -6.41
CA ILE A 92 5.15 6.52 -6.11
C ILE A 92 4.23 6.15 -7.29
N LEU A 93 4.24 4.89 -7.67
CA LEU A 93 3.26 4.35 -8.61
C LEU A 93 2.15 3.72 -7.80
N PHE A 94 0.90 3.95 -8.24
CA PHE A 94 -0.30 3.43 -7.58
C PHE A 94 -1.03 2.52 -8.55
N LYS A 95 -1.32 1.30 -8.11
CA LYS A 95 -2.02 0.33 -8.94
C LYS A 95 -3.18 -0.29 -8.17
N GLY A 96 -4.36 -0.29 -8.76
CA GLY A 96 -5.51 -1.02 -8.19
C GLY A 96 -5.79 -2.26 -9.00
N TRP A 97 -5.95 -3.40 -8.33
CA TRP A 97 -6.24 -4.67 -9.00
C TRP A 97 -7.70 -5.06 -8.90
N GLY A 98 -8.49 -4.21 -8.27
CA GLY A 98 -9.84 -4.57 -7.85
C GLY A 98 -9.81 -5.93 -7.15
N SER A 99 -10.73 -6.79 -7.55
CA SER A 99 -10.81 -8.15 -6.98
C SER A 99 -10.20 -9.23 -7.87
N GLN A 100 -9.32 -8.81 -8.78
CA GLN A 100 -8.79 -9.72 -9.82
C GLN A 100 -7.56 -10.55 -9.43
N LYS A 101 -6.90 -10.15 -8.34
CA LYS A 101 -5.72 -10.86 -7.81
C LYS A 101 -6.00 -11.46 -6.45
N ALA A 112 -11.24 -8.79 9.99
CA ALA A 112 -12.22 -8.96 8.93
C ALA A 112 -12.21 -7.77 7.97
N LYS A 113 -11.89 -6.59 8.49
CA LYS A 113 -11.72 -5.38 7.69
C LYS A 113 -10.40 -5.44 6.92
N ASN A 114 -9.54 -6.38 7.30
CA ASN A 114 -8.21 -6.56 6.71
C ASN A 114 -8.21 -6.81 5.20
N ARG A 115 -7.48 -5.95 4.48
CA ARG A 115 -7.31 -6.08 3.04
C ARG A 115 -5.83 -6.04 2.66
N ARG A 116 -5.49 -6.80 1.62
CA ARG A 116 -4.12 -6.95 1.17
C ARG A 116 -3.63 -5.67 0.50
N VAL A 117 -2.42 -5.26 0.89
CA VAL A 117 -1.70 -4.18 0.23
C VAL A 117 -0.28 -4.70 0.02
N GLU A 118 0.31 -4.34 -1.11
CA GLU A 118 1.69 -4.64 -1.34
C GLU A 118 2.37 -3.34 -1.67
N ILE A 119 3.60 -3.20 -1.19
CA ILE A 119 4.46 -2.12 -1.59
C ILE A 119 5.78 -2.74 -2.06
N THR A 120 6.20 -2.40 -3.26
CA THR A 120 7.47 -2.89 -3.78
C THR A 120 8.51 -1.78 -3.82
N ILE A 121 9.66 -2.01 -3.19
CA ILE A 121 10.79 -1.10 -3.30
C ILE A 121 11.44 -1.44 -4.62
N LEU A 122 11.24 -0.58 -5.62
CA LEU A 122 11.66 -0.87 -6.99
C LEU A 122 13.16 -0.73 -7.14
N ASN A 123 13.75 -1.66 -7.86
CA ASN A 123 15.19 -1.70 -8.10
C ASN A 123 15.76 -0.39 -8.67
#